data_7P8Y
#
_entry.id   7P8Y
#
_cell.length_a   89.675
_cell.length_b   67.687
_cell.length_c   77.512
_cell.angle_alpha   90.000
_cell.angle_beta   90.000
_cell.angle_gamma   90.000
#
_symmetry.space_group_name_H-M   'P 21 21 2'
#
loop_
_entity.id
_entity.type
_entity.pdbx_description
1 polymer Wilavidin
2 non-polymer 'PENTAETHYLENE GLYCOL'
3 non-polymer 'HEXAETHYLENE GLYCOL'
4 non-polymer DI(HYDROXYETHYL)ETHER
5 non-polymer 'TRIETHYLENE GLYCOL'
6 water water
#
_entity_poly.entity_id   1
_entity_poly.type   'polypeptide(L)'
_entity_poly.pdbx_seq_one_letter_code
;MAKDATQGGVQALSAWTNQSGSTLYIQSVDPSGSLSGYYINRAAGYGCQNTPYPVTGWVYGTAITFTVLWENATESCNSI
TAWTGFYYQGQITTLWQLVINGSTSTGQIISGEDIFKPS
;
_entity_poly.pdbx_strand_id   A,B,C,D
#
# COMPACT_ATOMS: atom_id res chain seq x y z
N LEU A 13 0.64 15.83 30.41
CA LEU A 13 1.32 14.80 29.62
C LEU A 13 1.74 15.35 28.24
N SER A 14 2.36 14.50 27.43
CA SER A 14 3.13 14.84 26.21
C SER A 14 2.48 14.25 24.94
N ALA A 15 1.72 15.07 24.21
CA ALA A 15 0.85 14.64 23.09
C ALA A 15 1.53 14.87 21.72
N TRP A 16 1.42 13.89 20.82
CA TRP A 16 2.08 13.88 19.49
C TRP A 16 1.09 13.43 18.40
N THR A 17 0.86 14.30 17.42
CA THR A 17 -0.15 14.11 16.35
C THR A 17 0.59 13.84 15.04
N ASN A 18 0.17 12.81 14.29
CA ASN A 18 0.81 12.40 13.02
C ASN A 18 0.09 13.05 11.85
N GLN A 19 0.53 12.76 10.63
CA GLN A 19 0.05 13.38 9.36
C GLN A 19 -1.42 12.97 9.16
N SER A 20 -1.85 11.85 9.73
CA SER A 20 -3.21 11.28 9.53
C SER A 20 -4.22 11.82 10.56
N GLY A 21 -3.78 12.62 11.54
CA GLY A 21 -4.63 13.12 12.65
C GLY A 21 -4.62 12.25 13.91
N SER A 22 -3.90 11.11 13.94
CA SER A 22 -3.86 10.23 15.14
C SER A 22 -2.96 10.90 16.17
N THR A 23 -3.18 10.64 17.44
CA THR A 23 -2.40 11.27 18.54
C THR A 23 -1.93 10.21 19.51
N LEU A 24 -0.64 10.26 19.85
CA LEU A 24 -0.04 9.46 20.93
C LEU A 24 -0.06 10.38 22.15
N TYR A 25 -0.69 9.91 23.23
CA TYR A 25 -0.74 10.61 24.54
C TYR A 25 0.23 9.90 25.48
N ILE A 26 1.43 10.45 25.63
CA ILE A 26 2.41 9.85 26.57
C ILE A 26 2.03 10.34 27.96
N GLN A 27 1.82 9.40 28.89
CA GLN A 27 1.45 9.67 30.29
C GLN A 27 2.71 9.64 31.14
N SER A 28 3.64 8.72 30.85
CA SER A 28 4.89 8.61 31.63
C SER A 28 6.01 7.95 30.81
N VAL A 29 7.23 8.43 31.08
CA VAL A 29 8.49 7.73 30.76
C VAL A 29 9.27 7.62 32.07
N ASP A 30 9.45 6.41 32.60
CA ASP A 30 10.25 6.10 33.82
C ASP A 30 11.71 6.41 33.57
N PRO A 31 12.52 6.58 34.63
CA PRO A 31 13.97 6.64 34.46
C PRO A 31 14.52 5.46 33.65
N SER A 32 13.89 4.28 33.68
CA SER A 32 14.30 3.10 32.90
C SER A 32 14.10 3.28 31.37
N GLY A 33 13.33 4.29 30.93
CA GLY A 33 12.96 4.50 29.52
C GLY A 33 11.64 3.83 29.19
N SER A 34 11.00 3.16 30.14
CA SER A 34 9.65 2.56 29.99
C SER A 34 8.63 3.66 29.71
N LEU A 35 7.96 3.56 28.57
CA LEU A 35 6.87 4.48 28.19
C LEU A 35 5.51 3.81 28.41
N SER A 36 4.57 4.59 28.95
CA SER A 36 3.14 4.30 29.12
C SER A 36 2.31 5.45 28.58
N GLY A 37 1.21 5.11 27.97
CA GLY A 37 0.34 6.14 27.36
C GLY A 37 -0.91 5.53 26.79
N TYR A 38 -1.57 6.34 25.96
CA TYR A 38 -2.75 5.93 25.16
C TYR A 38 -2.70 6.68 23.86
N TYR A 39 -3.53 6.24 22.95
CA TYR A 39 -3.38 6.57 21.52
C TYR A 39 -4.77 6.62 20.94
N ILE A 40 -5.12 7.69 20.25
CA ILE A 40 -6.41 7.77 19.54
C ILE A 40 -6.12 7.76 18.03
N ASN A 41 -6.67 6.76 17.35
CA ASN A 41 -6.44 6.52 15.92
C ASN A 41 -7.48 7.37 15.19
N ARG A 42 -7.07 8.16 14.21
CA ARG A 42 -8.01 8.92 13.35
C ARG A 42 -7.61 8.70 11.88
N ALA A 43 -6.86 7.64 11.55
CA ALA A 43 -6.44 7.31 10.16
C ALA A 43 -7.65 6.89 9.32
N ALA A 44 -7.94 7.58 8.21
CA ALA A 44 -9.02 7.25 7.25
C ALA A 44 -8.96 5.77 6.89
N GLY A 45 -10.12 5.10 6.90
CA GLY A 45 -10.31 3.74 6.37
C GLY A 45 -10.05 2.67 7.39
N TYR A 46 -9.69 3.03 8.63
CA TYR A 46 -9.43 2.04 9.71
C TYR A 46 -10.57 2.04 10.72
N GLY A 47 -10.87 0.87 11.27
CA GLY A 47 -11.66 0.82 12.50
C GLY A 47 -10.85 1.39 13.66
N CYS A 48 -11.47 1.30 14.84
CA CYS A 48 -10.94 1.70 16.15
C CYS A 48 -10.48 3.16 16.08
N GLN A 49 -11.36 4.06 15.69
CA GLN A 49 -11.02 5.50 15.62
C GLN A 49 -11.69 6.22 16.78
N ASN A 50 -11.14 7.36 17.17
CA ASN A 50 -11.77 8.33 18.06
C ASN A 50 -11.80 7.87 19.53
N THR A 51 -11.16 6.74 19.91
CA THR A 51 -11.19 6.21 21.29
C THR A 51 -9.82 5.76 21.73
N PRO A 52 -9.59 5.74 23.06
CA PRO A 52 -8.28 5.40 23.60
C PRO A 52 -7.90 3.92 23.53
N TYR A 53 -6.68 3.68 23.05
CA TYR A 53 -6.06 2.34 23.05
C TYR A 53 -4.75 2.46 23.80
N PRO A 54 -4.39 1.44 24.60
CA PRO A 54 -3.23 1.54 25.47
C PRO A 54 -1.90 1.45 24.73
N VAL A 55 -0.91 2.17 25.25
CA VAL A 55 0.44 2.27 24.63
C VAL A 55 1.45 1.61 25.55
N THR A 56 2.46 0.96 24.99
CA THR A 56 3.66 0.63 25.81
C THR A 56 4.89 0.79 24.94
N GLY A 57 6.03 0.99 25.56
CA GLY A 57 7.27 0.86 24.80
C GLY A 57 8.46 1.37 25.56
N TRP A 58 9.37 1.98 24.81
CA TRP A 58 10.73 2.38 25.27
C TRP A 58 11.13 3.73 24.67
N VAL A 59 11.87 4.46 25.47
CA VAL A 59 12.52 5.75 25.10
C VAL A 59 13.97 5.64 25.56
N TYR A 60 14.88 5.91 24.64
CA TYR A 60 16.35 5.78 24.82
C TYR A 60 17.02 6.86 24.01
N GLY A 61 17.39 7.96 24.69
CA GLY A 61 17.81 9.19 24.01
C GLY A 61 16.73 9.59 23.03
N THR A 62 17.05 9.75 21.74
CA THR A 62 16.11 10.28 20.73
C THR A 62 15.41 9.09 20.05
N ALA A 63 15.76 7.84 20.42
CA ALA A 63 15.19 6.63 19.81
C ALA A 63 13.90 6.30 20.56
N ILE A 64 12.90 5.75 19.88
CA ILE A 64 11.65 5.36 20.59
C ILE A 64 11.00 4.15 19.91
N THR A 65 10.35 3.33 20.71
CA THR A 65 9.38 2.37 20.17
C THR A 65 8.14 2.50 21.01
N PHE A 66 7.01 2.19 20.40
CA PHE A 66 5.74 2.05 21.10
C PHE A 66 4.81 1.17 20.28
N THR A 67 3.86 0.55 20.98
CA THR A 67 2.98 -0.49 20.44
C THR A 67 1.59 -0.30 21.06
N VAL A 68 0.56 -0.33 20.23
CA VAL A 68 -0.86 -0.18 20.62
C VAL A 68 -1.61 -1.47 20.32
N LEU A 69 -2.32 -1.97 21.34
CA LEU A 69 -3.31 -3.06 21.24
C LEU A 69 -4.62 -2.44 20.79
N TRP A 70 -5.17 -2.92 19.67
CA TRP A 70 -6.46 -2.39 19.13
C TRP A 70 -7.65 -3.03 19.81
N GLU A 71 -7.67 -2.98 21.14
CA GLU A 71 -8.85 -3.38 21.95
C GLU A 71 -8.95 -2.40 23.11
N ASN A 72 -10.18 -1.96 23.37
CA ASN A 72 -10.54 -1.16 24.56
C ASN A 72 -11.98 -1.57 24.90
N ALA A 73 -12.65 -0.83 25.77
CA ALA A 73 -13.98 -1.17 26.33
C ALA A 73 -15.02 -1.18 25.22
N THR A 74 -14.76 -0.45 24.14
CA THR A 74 -15.84 -0.20 23.17
C THR A 74 -15.61 -0.90 21.84
N GLU A 75 -14.39 -0.91 21.32
CA GLU A 75 -14.17 -1.45 19.95
C GLU A 75 -12.84 -2.20 19.91
N SER A 76 -12.80 -3.27 19.09
CA SER A 76 -11.69 -4.22 18.88
C SER A 76 -11.42 -4.29 17.38
N CYS A 77 -10.16 -4.20 16.95
CA CYS A 77 -9.81 -4.46 15.53
C CYS A 77 -8.89 -5.67 15.43
N ASN A 78 -8.83 -6.45 16.48
CA ASN A 78 -8.28 -7.83 16.40
C ASN A 78 -6.80 -7.79 15.99
N SER A 79 -6.00 -6.84 16.51
CA SER A 79 -4.63 -6.58 15.97
C SER A 79 -3.79 -5.68 16.86
N ILE A 80 -2.51 -5.53 16.47
CA ILE A 80 -1.53 -4.71 17.23
C ILE A 80 -0.71 -3.96 16.19
N THR A 81 -0.25 -2.77 16.57
CA THR A 81 0.79 -2.01 15.83
C THR A 81 1.99 -1.79 16.73
N ALA A 82 3.19 -1.94 16.15
CA ALA A 82 4.48 -1.49 16.71
C ALA A 82 5.03 -0.36 15.84
N TRP A 83 5.30 0.78 16.43
CA TRP A 83 6.09 1.87 15.80
C TRP A 83 7.53 1.80 16.27
N THR A 84 8.47 2.05 15.35
CA THR A 84 9.92 2.20 15.60
C THR A 84 10.31 3.54 14.94
N GLY A 85 10.95 4.44 15.66
CA GLY A 85 11.42 5.67 15.02
C GLY A 85 12.31 6.48 15.92
N PHE A 86 12.46 7.76 15.58
CA PHE A 86 13.51 8.61 16.18
C PHE A 86 13.06 10.07 16.20
N TYR A 87 13.47 10.77 17.25
CA TYR A 87 13.21 12.21 17.45
C TYR A 87 14.33 13.00 16.77
N TYR A 88 13.98 13.91 15.86
CA TYR A 88 14.94 14.80 15.16
C TYR A 88 14.15 15.99 14.59
N GLN A 89 14.63 17.22 14.83
CA GLN A 89 14.10 18.46 14.22
C GLN A 89 12.61 18.55 14.55
N GLY A 90 12.27 18.34 15.82
CA GLY A 90 10.94 18.59 16.43
C GLY A 90 9.90 17.58 16.00
N GLN A 91 10.29 16.47 15.36
CA GLN A 91 9.32 15.44 14.92
C GLN A 91 9.83 14.05 15.28
N ILE A 92 8.91 13.12 15.50
CA ILE A 92 9.25 11.69 15.63
C ILE A 92 8.87 11.06 14.31
N THR A 93 9.87 10.64 13.54
CA THR A 93 9.71 9.90 12.26
C THR A 93 9.64 8.41 12.60
N THR A 94 8.60 7.72 12.18
CA THR A 94 8.42 6.32 12.62
C THR A 94 8.10 5.43 11.44
N LEU A 95 8.56 4.19 11.47
CA LEU A 95 8.05 3.08 10.61
C LEU A 95 7.21 2.15 11.50
N TRP A 96 6.01 1.81 11.04
CA TRP A 96 5.05 1.00 11.82
C TRP A 96 4.76 -0.29 11.06
N GLN A 97 4.41 -1.32 11.83
CA GLN A 97 4.01 -2.66 11.38
C GLN A 97 2.74 -3.06 12.15
N LEU A 98 1.76 -3.58 11.45
CA LEU A 98 0.41 -3.88 11.94
C LEU A 98 0.17 -5.35 11.63
N VAL A 99 -0.03 -6.16 12.67
CA VAL A 99 -0.25 -7.62 12.58
C VAL A 99 -1.67 -7.89 13.05
N ILE A 100 -2.42 -8.68 12.30
CA ILE A 100 -3.79 -9.16 12.62
C ILE A 100 -3.70 -10.56 13.22
N ASN A 101 -4.45 -10.80 14.31
CA ASN A 101 -4.75 -12.13 14.91
C ASN A 101 -5.16 -13.13 13.82
N GLY A 102 -4.67 -14.36 13.95
CA GLY A 102 -4.93 -15.45 12.99
C GLY A 102 -4.04 -15.38 11.77
N SER A 103 -3.14 -14.39 11.65
CA SER A 103 -2.26 -14.25 10.48
C SER A 103 -1.37 -15.50 10.37
N THR A 104 -1.01 -15.87 9.14
CA THR A 104 -0.25 -17.11 8.80
C THR A 104 0.99 -16.77 7.97
N SER A 105 1.08 -15.52 7.49
CA SER A 105 2.17 -15.05 6.59
C SER A 105 2.64 -13.65 7.00
N THR A 106 3.95 -13.36 6.89
CA THR A 106 4.49 -12.00 7.08
C THR A 106 3.96 -11.09 5.96
N GLY A 107 3.54 -11.66 4.82
CA GLY A 107 2.90 -10.89 3.72
C GLY A 107 1.62 -10.20 4.15
N GLN A 108 1.00 -10.66 5.26
CA GLN A 108 -0.26 -10.10 5.83
C GLN A 108 0.05 -8.96 6.82
N ILE A 109 1.32 -8.76 7.17
CA ILE A 109 1.71 -7.66 8.10
C ILE A 109 1.72 -6.37 7.28
N ILE A 110 0.91 -5.40 7.68
CA ILE A 110 0.74 -4.12 6.94
C ILE A 110 1.73 -3.13 7.54
N SER A 111 2.29 -2.24 6.72
CA SER A 111 3.35 -1.31 7.16
C SER A 111 3.16 0.08 6.55
N GLY A 112 3.84 1.05 7.12
CA GLY A 112 3.86 2.41 6.59
C GLY A 112 4.75 3.29 7.45
N GLU A 113 4.68 4.60 7.20
CA GLU A 113 5.51 5.63 7.85
C GLU A 113 4.59 6.70 8.45
N ASP A 114 4.86 7.06 9.71
CA ASP A 114 4.11 8.09 10.47
C ASP A 114 5.13 9.12 10.93
N ILE A 115 4.78 10.40 10.83
CA ILE A 115 5.55 11.54 11.41
C ILE A 115 4.66 12.20 12.45
N PHE A 116 5.16 12.29 13.69
CA PHE A 116 4.43 12.85 14.84
C PHE A 116 5.09 14.18 15.19
N LYS A 117 4.28 15.21 15.43
CA LYS A 117 4.75 16.53 15.90
C LYS A 117 4.03 16.86 17.19
N PRO A 118 4.62 17.69 18.08
CA PRO A 118 3.98 18.03 19.34
C PRO A 118 2.63 18.67 19.03
N SER A 119 1.63 18.36 19.84
CA SER A 119 0.24 18.88 19.74
C SER A 119 -0.27 19.17 21.14
N LEU B 13 2.47 19.10 -26.29
CA LEU B 13 2.45 20.52 -25.80
C LEU B 13 1.75 20.63 -24.42
N SER B 14 0.75 19.79 -24.10
CA SER B 14 -0.08 19.84 -22.85
C SER B 14 0.46 18.90 -21.74
N ALA B 15 1.32 19.44 -20.87
CA ALA B 15 2.07 18.68 -19.84
C ALA B 15 1.37 18.74 -18.46
N TRP B 16 1.29 17.59 -17.76
CA TRP B 16 0.62 17.47 -16.44
C TRP B 16 1.52 16.71 -15.44
N THR B 17 1.76 17.29 -14.27
CA THR B 17 2.71 16.69 -13.29
C THR B 17 1.94 16.28 -12.03
N ASN B 18 2.14 15.06 -11.53
CA ASN B 18 1.42 14.52 -10.35
C ASN B 18 2.22 14.81 -9.08
N GLN B 19 1.74 14.32 -7.93
CA GLN B 19 2.29 14.62 -6.58
C GLN B 19 3.71 14.02 -6.47
N SER B 20 4.03 13.05 -7.32
CA SER B 20 5.23 12.19 -7.23
C SER B 20 6.33 12.67 -8.20
N GLY B 21 6.02 13.65 -9.06
CA GLY B 21 6.92 14.23 -10.08
C GLY B 21 6.84 13.56 -11.45
N SER B 22 5.90 12.61 -11.66
CA SER B 22 5.70 11.95 -12.98
C SER B 22 4.96 12.97 -13.84
N THR B 23 5.21 12.99 -15.15
CA THR B 23 4.55 13.90 -16.11
C THR B 23 3.98 13.14 -17.30
N LEU B 24 2.74 13.49 -17.58
CA LEU B 24 1.94 13.09 -18.76
C LEU B 24 2.14 14.21 -19.79
N TYR B 25 2.70 13.86 -20.96
CA TYR B 25 2.91 14.75 -22.12
C TYR B 25 1.83 14.42 -23.15
N ILE B 26 0.71 15.09 -23.06
CA ILE B 26 -0.34 14.90 -24.08
C ILE B 26 0.13 15.60 -25.35
N GLN B 27 0.27 14.84 -26.43
CA GLN B 27 0.64 15.34 -27.77
C GLN B 27 -0.60 15.68 -28.60
N SER B 28 -1.70 14.94 -28.46
CA SER B 28 -2.98 15.24 -29.18
C SER B 28 -4.17 14.60 -28.49
N VAL B 29 -5.30 15.30 -28.58
CA VAL B 29 -6.67 14.75 -28.46
C VAL B 29 -7.36 15.02 -29.80
N ASP B 30 -7.69 13.97 -30.54
CA ASP B 30 -8.50 14.03 -31.79
C ASP B 30 -9.91 14.55 -31.48
N PRO B 31 -10.66 15.02 -32.49
CA PRO B 31 -12.10 15.27 -32.31
C PRO B 31 -12.87 14.08 -31.70
N SER B 32 -12.45 12.84 -31.95
CA SER B 32 -13.07 11.61 -31.39
C SER B 32 -12.88 11.47 -29.87
N GLY B 33 -12.01 12.27 -29.25
CA GLY B 33 -11.58 12.12 -27.85
C GLY B 33 -10.35 11.22 -27.71
N SER B 34 -9.83 10.70 -28.81
CA SER B 34 -8.65 9.79 -28.80
C SER B 34 -7.41 10.57 -28.38
N LEU B 35 -6.75 10.09 -27.32
CA LEU B 35 -5.60 10.79 -26.72
C LEU B 35 -4.33 9.96 -26.97
N SER B 36 -3.27 10.63 -27.45
CA SER B 36 -1.88 10.18 -27.66
C SER B 36 -0.91 11.09 -26.93
N GLY B 37 0.16 10.46 -26.44
CA GLY B 37 1.11 11.14 -25.57
C GLY B 37 2.24 10.24 -25.17
N TYR B 38 3.06 10.78 -24.28
CA TYR B 38 4.10 10.03 -23.56
C TYR B 38 4.05 10.52 -22.12
N TYR B 39 4.72 9.75 -21.32
CA TYR B 39 4.71 9.85 -19.87
C TYR B 39 6.13 9.64 -19.42
N ILE B 40 6.63 10.43 -18.50
CA ILE B 40 7.91 10.10 -17.83
C ILE B 40 7.65 9.83 -16.35
N ASN B 41 7.91 8.60 -15.89
CA ASN B 41 7.65 8.17 -14.49
C ASN B 41 8.81 8.68 -13.63
N ARG B 42 8.52 9.32 -12.50
CA ARG B 42 9.56 9.72 -11.52
C ARG B 42 9.14 9.28 -10.12
N ALA B 43 8.27 8.26 -10.00
CA ALA B 43 7.76 7.76 -8.69
C ALA B 43 8.88 7.01 -7.94
N ALA B 44 9.22 7.42 -6.71
CA ALA B 44 10.20 6.73 -5.83
C ALA B 44 9.89 5.24 -5.73
N GLY B 45 10.91 4.40 -5.91
CA GLY B 45 10.89 2.96 -5.66
C GLY B 45 10.48 2.16 -6.89
N TYR B 46 10.15 2.82 -8.00
CA TYR B 46 9.71 2.13 -9.26
C TYR B 46 10.85 2.11 -10.28
N GLY B 47 10.89 1.05 -11.07
CA GLY B 47 11.68 1.03 -12.30
C GLY B 47 11.12 2.02 -13.31
N CYS B 48 11.72 1.99 -14.51
CA CYS B 48 11.31 2.76 -15.70
C CYS B 48 11.10 4.23 -15.33
N GLN B 49 12.13 4.84 -14.76
CA GLN B 49 12.08 6.29 -14.38
C GLN B 49 12.83 7.11 -15.43
N ASN B 50 12.45 8.38 -15.56
CA ASN B 50 13.20 9.42 -16.28
C ASN B 50 13.19 9.20 -17.80
N THR B 51 12.42 8.25 -18.38
CA THR B 51 12.43 7.98 -19.83
C THR B 51 10.99 7.93 -20.37
N PRO B 52 10.83 8.25 -21.67
CA PRO B 52 9.54 8.41 -22.31
C PRO B 52 8.90 7.04 -22.59
N TYR B 53 7.65 6.87 -22.11
CA TYR B 53 6.80 5.68 -22.38
C TYR B 53 5.50 6.12 -22.97
N PRO B 54 4.92 5.31 -23.87
CA PRO B 54 3.81 5.77 -24.67
C PRO B 54 2.48 5.72 -23.92
N VAL B 55 1.62 6.69 -24.21
CA VAL B 55 0.28 6.90 -23.62
C VAL B 55 -0.77 6.71 -24.73
N THR B 56 -1.87 6.08 -24.37
CA THR B 56 -3.12 6.12 -25.17
C THR B 56 -4.27 6.29 -24.21
N GLY B 57 -5.40 6.80 -24.71
CA GLY B 57 -6.62 6.87 -23.88
C GLY B 57 -7.73 7.64 -24.54
N TRP B 58 -8.65 8.14 -23.71
CA TRP B 58 -9.88 8.86 -24.11
C TRP B 58 -10.06 10.11 -23.24
N VAL B 59 -10.61 11.15 -23.89
CA VAL B 59 -11.04 12.43 -23.27
C VAL B 59 -12.50 12.64 -23.71
N TYR B 60 -13.37 12.96 -22.76
CA TYR B 60 -14.84 13.04 -22.97
C TYR B 60 -15.35 14.03 -21.96
N GLY B 61 -15.54 15.27 -22.42
CA GLY B 61 -15.66 16.42 -21.51
C GLY B 61 -14.51 16.46 -20.51
N THR B 62 -14.83 16.38 -19.22
CA THR B 62 -13.85 16.55 -18.14
C THR B 62 -13.33 15.16 -17.71
N ALA B 63 -13.89 14.08 -18.30
CA ALA B 63 -13.55 12.68 -17.99
C ALA B 63 -12.35 12.25 -18.86
N ILE B 64 -11.42 11.47 -18.28
CA ILE B 64 -10.22 10.97 -18.98
C ILE B 64 -9.81 9.57 -18.48
N THR B 65 -9.35 8.76 -19.40
CA THR B 65 -8.57 7.54 -19.10
C THR B 65 -7.29 7.70 -19.88
N PHE B 66 -6.24 7.09 -19.39
CA PHE B 66 -4.99 6.96 -20.17
C PHE B 66 -4.24 5.77 -19.61
N THR B 67 -3.44 5.13 -20.47
CA THR B 67 -2.73 3.89 -20.10
C THR B 67 -1.32 3.95 -20.71
N VAL B 68 -0.34 3.54 -19.90
CA VAL B 68 1.11 3.57 -20.24
C VAL B 68 1.66 2.15 -20.16
N LEU B 69 2.31 1.78 -21.27
CA LEU B 69 3.09 0.53 -21.45
C LEU B 69 4.51 0.84 -20.95
N TRP B 70 4.96 0.10 -19.96
CA TRP B 70 6.30 0.28 -19.34
C TRP B 70 7.32 -0.46 -20.17
N GLU B 71 7.33 -0.20 -21.47
CA GLU B 71 8.45 -0.60 -22.34
C GLU B 71 8.75 0.55 -23.29
N ASN B 72 10.03 0.85 -23.46
CA ASN B 72 10.58 1.76 -24.49
C ASN B 72 11.95 1.19 -24.91
N ALA B 73 12.76 1.98 -25.61
CA ALA B 73 14.02 1.54 -26.25
C ALA B 73 15.04 1.12 -25.19
N THR B 74 14.91 1.59 -23.96
CA THR B 74 16.03 1.50 -23.00
C THR B 74 15.67 0.63 -21.80
N GLU B 75 14.43 0.71 -21.28
CA GLU B 75 14.10 -0.02 -20.03
C GLU B 75 12.67 -0.56 -20.10
N SER B 76 12.46 -1.76 -19.53
CA SER B 76 11.15 -2.46 -19.46
C SER B 76 10.86 -2.83 -18.00
N CYS B 77 9.63 -2.62 -17.55
CA CYS B 77 9.16 -3.10 -16.22
C CYS B 77 8.02 -4.09 -16.37
N ASN B 78 7.83 -4.65 -17.56
CA ASN B 78 7.06 -5.91 -17.75
C ASN B 78 5.61 -5.70 -17.31
N SER B 79 5.00 -4.54 -17.61
CA SER B 79 3.73 -4.14 -16.97
C SER B 79 3.09 -2.94 -17.66
N ILE B 80 1.85 -2.64 -17.27
CA ILE B 80 0.99 -1.60 -17.89
C ILE B 80 0.26 -0.91 -16.73
N THR B 81 0.07 0.40 -16.85
CA THR B 81 -0.86 1.15 -15.96
C THR B 81 -2.00 1.77 -16.77
N ALA B 82 -3.20 1.72 -16.16
CA ALA B 82 -4.42 2.41 -16.56
C ALA B 82 -4.80 3.42 -15.46
N TRP B 83 -4.90 4.68 -15.84
CA TRP B 83 -5.48 5.75 -14.99
C TRP B 83 -6.90 6.03 -15.48
N THR B 84 -7.83 6.17 -14.53
CA THR B 84 -9.22 6.63 -14.71
C THR B 84 -9.35 7.88 -13.82
N GLY B 85 -9.81 9.00 -14.37
CA GLY B 85 -10.11 10.15 -13.53
C GLY B 85 -10.76 11.26 -14.29
N PHE B 86 -10.67 12.46 -13.72
CA PHE B 86 -11.53 13.59 -14.11
C PHE B 86 -10.81 14.91 -13.82
N TYR B 87 -11.07 15.89 -14.67
CA TYR B 87 -10.56 17.27 -14.55
C TYR B 87 -11.58 18.11 -13.77
N TYR B 88 -11.16 18.60 -12.62
CA TYR B 88 -11.92 19.61 -11.85
C TYR B 88 -10.93 20.54 -11.15
N GLN B 89 -11.20 21.85 -11.17
CA GLN B 89 -10.50 22.80 -10.27
C GLN B 89 -9.00 22.67 -10.48
N GLY B 90 -8.61 22.71 -11.75
CA GLY B 90 -7.22 22.91 -12.20
C GLY B 90 -6.36 21.69 -11.98
N GLN B 91 -6.96 20.52 -11.68
CA GLN B 91 -6.22 19.23 -11.50
C GLN B 91 -7.01 18.06 -12.14
N ILE B 92 -6.29 17.00 -12.49
CA ILE B 92 -6.89 15.69 -12.88
C ILE B 92 -6.63 14.74 -11.72
N THR B 93 -7.68 14.48 -10.95
CA THR B 93 -7.79 13.36 -9.97
C THR B 93 -7.99 12.03 -10.69
N THR B 94 -7.06 11.11 -10.48
CA THR B 94 -7.14 9.78 -11.13
C THR B 94 -6.99 8.74 -10.05
N LEU B 95 -7.58 7.57 -10.34
CA LEU B 95 -7.29 6.27 -9.71
C LEU B 95 -6.59 5.39 -10.75
N TRP B 96 -5.44 4.83 -10.40
CA TRP B 96 -4.63 4.06 -11.34
C TRP B 96 -4.62 2.61 -10.88
N GLN B 97 -4.35 1.71 -11.83
CA GLN B 97 -4.23 0.26 -11.60
C GLN B 97 -3.04 -0.24 -12.45
N LEU B 98 -2.19 -1.09 -11.87
CA LEU B 98 -0.89 -1.59 -12.43
C LEU B 98 -0.92 -3.11 -12.39
N VAL B 99 -0.86 -3.71 -13.57
CA VAL B 99 -0.90 -5.16 -13.80
C VAL B 99 0.49 -5.53 -14.31
N ILE B 100 1.05 -6.64 -13.81
CA ILE B 100 2.37 -7.19 -14.22
C ILE B 100 2.11 -8.41 -15.11
N ASN B 101 2.82 -8.52 -16.23
CA ASN B 101 2.91 -9.70 -17.13
C ASN B 101 3.12 -10.96 -16.29
N GLY B 102 2.43 -12.05 -16.62
CA GLY B 102 2.52 -13.32 -15.87
C GLY B 102 1.65 -13.36 -14.63
N SER B 103 0.86 -12.32 -14.33
CA SER B 103 0.02 -12.27 -13.11
C SER B 103 -1.04 -13.40 -13.20
N THR B 104 -1.52 -13.87 -12.04
CA THR B 104 -2.48 -15.01 -11.92
C THR B 104 -3.66 -14.64 -11.01
N SER B 105 -3.60 -13.50 -10.30
CA SER B 105 -4.64 -13.04 -9.35
C SER B 105 -4.82 -11.53 -9.48
N THR B 106 -6.05 -11.00 -9.31
CA THR B 106 -6.35 -9.55 -9.16
C THR B 106 -5.70 -9.02 -7.89
N GLY B 107 -5.37 -9.89 -6.92
CA GLY B 107 -4.60 -9.49 -5.72
C GLY B 107 -3.21 -8.97 -6.06
N GLN B 108 -2.67 -9.30 -7.23
CA GLN B 108 -1.34 -8.84 -7.73
C GLN B 108 -1.47 -7.50 -8.46
N ILE B 109 -2.67 -6.98 -8.72
CA ILE B 109 -2.83 -5.67 -9.42
C ILE B 109 -2.62 -4.57 -8.38
N ILE B 110 -1.66 -3.69 -8.59
CA ILE B 110 -1.33 -2.61 -7.60
C ILE B 110 -2.13 -1.36 -8.00
N SER B 111 -2.57 -0.58 -7.02
CA SER B 111 -3.46 0.56 -7.25
C SER B 111 -3.03 1.76 -6.39
N GLY B 112 -3.46 2.94 -6.81
CA GLY B 112 -3.39 4.13 -5.97
C GLY B 112 -4.10 5.27 -6.63
N GLU B 113 -3.73 6.50 -6.24
CA GLU B 113 -4.41 7.76 -6.62
C GLU B 113 -3.35 8.82 -6.96
N ASP B 114 -3.52 9.48 -8.09
CA ASP B 114 -2.57 10.46 -8.66
C ASP B 114 -3.41 11.71 -8.88
N ILE B 115 -2.87 12.87 -8.53
CA ILE B 115 -3.41 14.21 -8.89
C ILE B 115 -2.39 14.88 -9.81
N PHE B 116 -2.83 15.33 -10.98
CA PHE B 116 -1.93 15.94 -12.00
C PHE B 116 -2.32 17.41 -12.09
N LYS B 117 -1.35 18.32 -12.09
CA LYS B 117 -1.63 19.77 -12.27
C LYS B 117 -0.85 20.20 -13.50
N PRO B 118 -1.29 21.26 -14.21
CA PRO B 118 -0.58 21.72 -15.39
C PRO B 118 0.86 22.08 -14.99
N SER B 119 1.82 21.80 -15.88
CA SER B 119 3.25 22.17 -15.73
C SER B 119 3.79 22.53 -17.10
N SER C 14 -9.70 -11.15 -32.52
CA SER C 14 -10.27 -12.06 -31.51
C SER C 14 -11.40 -11.38 -30.71
N ALA C 15 -12.44 -12.12 -30.38
CA ALA C 15 -13.61 -11.67 -29.60
C ALA C 15 -13.54 -12.31 -28.21
N TRP C 16 -13.79 -11.51 -27.17
CA TRP C 16 -13.82 -11.97 -25.76
C TRP C 16 -15.13 -11.50 -25.14
N THR C 17 -15.90 -12.42 -24.53
CA THR C 17 -17.22 -12.12 -23.92
C THR C 17 -17.09 -12.36 -22.41
N ASN C 18 -17.62 -11.41 -21.63
CA ASN C 18 -17.53 -11.47 -20.15
C ASN C 18 -18.82 -12.15 -19.65
N GLN C 19 -18.95 -12.21 -18.33
CA GLN C 19 -19.97 -13.00 -17.59
C GLN C 19 -21.34 -12.30 -17.76
N SER C 20 -21.32 -11.01 -18.11
CA SER C 20 -22.51 -10.17 -18.35
C SER C 20 -23.01 -10.29 -19.79
N GLY C 21 -22.29 -10.98 -20.69
CA GLY C 21 -22.63 -11.04 -22.12
C GLY C 21 -21.96 -9.95 -22.99
N SER C 22 -21.18 -9.01 -22.41
CA SER C 22 -20.48 -7.92 -23.14
C SER C 22 -19.26 -8.46 -23.88
N THR C 23 -18.96 -7.94 -25.08
CA THR C 23 -17.88 -8.52 -25.93
C THR C 23 -16.86 -7.44 -26.34
N LEU C 24 -15.58 -7.72 -26.08
CA LEU C 24 -14.39 -7.01 -26.59
C LEU C 24 -14.00 -7.65 -27.92
N TYR C 25 -14.01 -6.85 -28.97
CA TYR C 25 -13.55 -7.23 -30.32
C TYR C 25 -12.18 -6.62 -30.54
N ILE C 26 -11.10 -7.35 -30.30
CA ILE C 26 -9.74 -6.87 -30.68
C ILE C 26 -9.62 -7.01 -32.20
N GLN C 27 -9.43 -5.90 -32.92
CA GLN C 27 -9.22 -5.89 -34.39
C GLN C 27 -7.72 -5.99 -34.71
N SER C 28 -6.85 -5.40 -33.88
CA SER C 28 -5.39 -5.47 -34.06
C SER C 28 -4.62 -5.14 -32.78
N VAL C 29 -3.48 -5.82 -32.61
CA VAL C 29 -2.36 -5.48 -31.70
C VAL C 29 -1.15 -5.23 -32.60
N ASP C 30 -0.77 -3.98 -32.81
CA ASP C 30 0.45 -3.65 -33.60
C ASP C 30 1.66 -4.20 -32.83
N PRO C 31 2.86 -4.25 -33.44
CA PRO C 31 4.05 -4.82 -32.78
C PRO C 31 4.51 -4.11 -31.49
N SER C 32 4.20 -2.82 -31.34
CA SER C 32 4.49 -2.02 -30.10
C SER C 32 3.56 -2.46 -28.94
N GLY C 33 2.62 -3.37 -29.20
CA GLY C 33 1.61 -3.80 -28.21
C GLY C 33 0.38 -2.91 -28.21
N SER C 34 0.30 -1.94 -29.11
CA SER C 34 -0.81 -0.96 -29.14
C SER C 34 -2.07 -1.70 -29.58
N LEU C 35 -3.19 -1.58 -28.85
CA LEU C 35 -4.36 -2.40 -29.30
C LEU C 35 -5.55 -1.51 -29.65
N SER C 36 -6.25 -1.92 -30.69
CA SER C 36 -7.38 -1.19 -31.31
C SER C 36 -8.53 -2.19 -31.57
N GLY C 37 -9.76 -1.75 -31.32
CA GLY C 37 -10.95 -2.46 -31.80
C GLY C 37 -12.21 -1.80 -31.29
N TYR C 38 -13.24 -2.59 -31.02
CA TYR C 38 -14.53 -2.05 -30.51
C TYR C 38 -15.05 -3.02 -29.48
N TYR C 39 -16.08 -2.58 -28.76
CA TYR C 39 -16.68 -3.24 -27.59
C TYR C 39 -18.19 -3.12 -27.65
N ILE C 40 -18.90 -4.22 -27.45
CA ILE C 40 -20.39 -4.17 -27.39
C ILE C 40 -20.85 -4.54 -25.98
N ASN C 41 -21.41 -3.53 -25.32
CA ASN C 41 -21.86 -3.57 -23.92
C ASN C 41 -23.25 -4.23 -23.89
N ARG C 42 -23.37 -5.33 -23.16
CA ARG C 42 -24.61 -6.10 -23.01
C ARG C 42 -24.91 -6.28 -21.51
N ALA C 43 -24.40 -5.37 -20.66
CA ALA C 43 -24.53 -5.43 -19.19
C ALA C 43 -25.86 -4.82 -18.73
N ALA C 44 -26.74 -5.63 -18.12
CA ALA C 44 -28.09 -5.26 -17.60
C ALA C 44 -27.94 -4.09 -16.65
N GLY C 45 -28.90 -3.14 -16.71
CA GLY C 45 -28.94 -1.92 -15.88
C GLY C 45 -28.24 -0.74 -16.57
N TYR C 46 -27.41 -1.01 -17.57
CA TYR C 46 -26.45 -0.02 -18.10
C TYR C 46 -26.96 0.53 -19.44
N GLY C 47 -26.67 1.80 -19.73
CA GLY C 47 -27.01 2.36 -21.05
C GLY C 47 -26.06 1.85 -22.10
N CYS C 48 -26.21 2.36 -23.33
CA CYS C 48 -25.23 2.14 -24.42
C CYS C 48 -25.03 0.64 -24.55
N GLN C 49 -26.11 -0.10 -24.74
CA GLN C 49 -25.98 -1.57 -25.01
C GLN C 49 -26.09 -1.77 -26.54
N ASN C 50 -25.52 -2.87 -27.03
CA ASN C 50 -25.77 -3.54 -28.35
C ASN C 50 -25.13 -2.81 -29.53
N THR C 51 -24.38 -1.72 -29.31
CA THR C 51 -23.78 -0.89 -30.37
C THR C 51 -22.29 -0.75 -30.10
N PRO C 52 -21.44 -0.75 -31.16
CA PRO C 52 -19.99 -0.82 -31.00
C PRO C 52 -19.40 0.50 -30.48
N TYR C 53 -18.58 0.43 -29.43
CA TYR C 53 -17.86 1.59 -28.84
C TYR C 53 -16.37 1.38 -29.12
N PRO C 54 -15.59 2.46 -29.33
CA PRO C 54 -14.18 2.33 -29.69
C PRO C 54 -13.30 1.92 -28.50
N VAL C 55 -12.33 1.05 -28.79
CA VAL C 55 -11.39 0.51 -27.79
C VAL C 55 -9.98 0.97 -28.17
N THR C 56 -9.19 1.42 -27.18
CA THR C 56 -7.71 1.51 -27.29
C THR C 56 -7.10 0.82 -26.08
N GLY C 57 -5.82 0.44 -26.17
CA GLY C 57 -5.17 -0.21 -25.04
C GLY C 57 -3.77 -0.68 -25.34
N TRP C 58 -3.25 -1.52 -24.48
CA TRP C 58 -1.87 -2.04 -24.53
C TRP C 58 -1.91 -3.53 -24.20
N VAL C 59 -1.06 -4.30 -24.86
CA VAL C 59 -0.76 -5.70 -24.44
C VAL C 59 0.73 -5.80 -24.17
N TYR C 60 1.09 -6.45 -23.06
CA TYR C 60 2.48 -6.71 -22.64
C TYR C 60 2.51 -8.14 -22.10
N GLY C 61 2.85 -9.06 -22.97
CA GLY C 61 2.78 -10.49 -22.64
C GLY C 61 1.36 -10.88 -22.28
N THR C 62 1.11 -11.31 -21.06
CA THR C 62 -0.25 -11.71 -20.65
C THR C 62 -0.99 -10.50 -20.05
N ALA C 63 -0.31 -9.36 -19.84
CA ALA C 63 -0.88 -8.13 -19.25
C ALA C 63 -1.64 -7.37 -20.33
N ILE C 64 -2.76 -6.76 -19.97
CA ILE C 64 -3.66 -6.04 -20.91
C ILE C 64 -4.34 -4.89 -20.18
N THR C 65 -4.40 -3.74 -20.84
CA THR C 65 -5.30 -2.61 -20.51
C THR C 65 -6.10 -2.29 -21.77
N PHE C 66 -7.35 -1.91 -21.58
CA PHE C 66 -8.18 -1.32 -22.64
C PHE C 66 -9.20 -0.37 -22.00
N THR C 67 -9.62 0.59 -22.80
CA THR C 67 -10.53 1.67 -22.36
C THR C 67 -11.49 1.87 -23.51
N VAL C 68 -12.75 2.01 -23.13
CA VAL C 68 -13.88 2.17 -24.08
C VAL C 68 -14.45 3.55 -23.76
N LEU C 69 -14.58 4.37 -24.82
CA LEU C 69 -15.33 5.64 -24.79
C LEU C 69 -16.82 5.34 -25.00
N TRP C 70 -17.71 5.71 -24.07
CA TRP C 70 -19.16 5.41 -24.18
C TRP C 70 -19.82 6.54 -24.94
N GLU C 71 -19.28 6.81 -26.13
CA GLU C 71 -19.83 7.75 -27.13
C GLU C 71 -19.78 7.05 -28.48
N ASN C 72 -20.90 6.95 -29.16
CA ASN C 72 -20.90 6.74 -30.64
C ASN C 72 -22.11 7.45 -31.29
N ALA C 73 -22.33 7.22 -32.58
CA ALA C 73 -23.42 7.88 -33.35
C ALA C 73 -24.80 7.37 -32.89
N THR C 74 -24.87 6.25 -32.18
CA THR C 74 -26.12 5.55 -31.86
C THR C 74 -26.58 6.09 -30.51
N GLU C 75 -25.68 6.18 -29.54
CA GLU C 75 -26.05 6.42 -28.14
C GLU C 75 -24.78 6.84 -27.41
N SER C 76 -24.94 7.76 -26.46
CA SER C 76 -23.85 8.36 -25.65
C SER C 76 -24.22 8.18 -24.17
N CYS C 77 -23.28 7.81 -23.30
CA CYS C 77 -23.50 7.72 -21.84
C CYS C 77 -22.47 8.55 -21.06
N ASN C 78 -21.76 9.46 -21.74
CA ASN C 78 -21.09 10.64 -21.10
C ASN C 78 -20.01 10.20 -20.12
N SER C 79 -19.28 9.13 -20.45
CA SER C 79 -18.47 8.40 -19.46
C SER C 79 -17.40 7.57 -20.18
N ILE C 80 -16.45 7.04 -19.40
CA ILE C 80 -15.36 6.17 -19.94
C ILE C 80 -15.07 5.02 -18.99
N THR C 81 -14.84 3.82 -19.53
CA THR C 81 -14.32 2.70 -18.71
C THR C 81 -12.88 2.38 -19.11
N ALA C 82 -12.09 1.93 -18.14
CA ALA C 82 -10.73 1.39 -18.31
C ALA C 82 -10.67 0.07 -17.57
N TRP C 83 -10.32 -0.97 -18.31
CA TRP C 83 -10.01 -2.31 -17.77
C TRP C 83 -8.50 -2.53 -17.68
N THR C 84 -8.08 -3.14 -16.59
CA THR C 84 -6.67 -3.55 -16.32
C THR C 84 -6.72 -5.03 -15.94
N GLY C 85 -5.96 -5.88 -16.61
CA GLY C 85 -6.16 -7.33 -16.38
C GLY C 85 -5.02 -8.12 -16.94
N PHE C 86 -5.23 -9.42 -17.05
CA PHE C 86 -4.19 -10.38 -17.49
C PHE C 86 -4.91 -11.57 -18.11
N TYR C 87 -4.30 -12.14 -19.15
CA TYR C 87 -4.69 -13.44 -19.69
C TYR C 87 -4.14 -14.54 -18.78
N TYR C 88 -5.01 -15.48 -18.37
CA TYR C 88 -4.61 -16.66 -17.59
C TYR C 88 -5.65 -17.79 -17.75
N GLN C 89 -5.17 -18.99 -18.04
CA GLN C 89 -5.99 -20.22 -18.19
C GLN C 89 -7.18 -19.94 -19.11
N GLY C 90 -6.90 -19.47 -20.32
CA GLY C 90 -7.88 -19.31 -21.41
C GLY C 90 -8.78 -18.11 -21.22
N GLN C 91 -8.63 -17.32 -20.15
CA GLN C 91 -9.55 -16.19 -19.83
C GLN C 91 -8.76 -14.92 -19.53
N ILE C 92 -9.38 -13.77 -19.75
CA ILE C 92 -8.83 -12.45 -19.34
C ILE C 92 -9.61 -12.02 -18.09
N THR C 93 -8.93 -11.90 -16.95
CA THR C 93 -9.56 -11.42 -15.70
C THR C 93 -9.06 -10.01 -15.47
N THR C 94 -9.99 -9.12 -15.13
CA THR C 94 -9.80 -7.66 -15.20
C THR C 94 -10.54 -7.00 -14.07
N LEU C 95 -9.94 -5.96 -13.50
CA LEU C 95 -10.70 -4.90 -12.77
C LEU C 95 -10.95 -3.73 -13.74
N TRP C 96 -12.08 -3.06 -13.59
CA TRP C 96 -12.50 -1.94 -14.45
C TRP C 96 -12.90 -0.75 -13.58
N GLN C 97 -12.67 0.46 -14.11
CA GLN C 97 -13.01 1.76 -13.48
C GLN C 97 -13.79 2.56 -14.52
N LEU C 98 -14.96 3.08 -14.11
CA LEU C 98 -15.93 3.87 -14.92
C LEU C 98 -16.08 5.24 -14.27
N VAL C 99 -15.68 6.28 -15.02
CA VAL C 99 -15.71 7.69 -14.60
C VAL C 99 -16.71 8.41 -15.50
N ILE C 100 -17.61 9.18 -14.93
CA ILE C 100 -18.60 9.96 -15.72
C ILE C 100 -18.04 11.37 -15.91
N ASN C 101 -18.15 11.87 -17.13
CA ASN C 101 -17.99 13.30 -17.48
C ASN C 101 -18.60 14.19 -16.38
N GLY C 102 -17.90 15.27 -16.01
CA GLY C 102 -18.36 16.31 -15.06
C GLY C 102 -18.18 15.90 -13.60
N SER C 103 -17.59 14.74 -13.34
CA SER C 103 -17.37 14.23 -11.95
C SER C 103 -16.55 15.23 -11.11
N THR C 104 -16.79 15.21 -9.80
CA THR C 104 -16.17 16.14 -8.82
C THR C 104 -15.56 15.34 -7.67
N SER C 105 -15.81 14.04 -7.58
CA SER C 105 -15.23 13.20 -6.50
C SER C 105 -14.86 11.82 -7.03
N THR C 106 -13.85 11.21 -6.42
CA THR C 106 -13.41 9.82 -6.67
C THR C 106 -14.53 8.88 -6.21
N GLY C 107 -15.44 9.33 -5.32
CA GLY C 107 -16.58 8.50 -4.84
C GLY C 107 -17.60 8.16 -5.93
N GLN C 108 -17.64 8.90 -7.03
CA GLN C 108 -18.60 8.79 -8.15
C GLN C 108 -18.06 7.85 -9.23
N ILE C 109 -16.80 7.39 -9.10
CA ILE C 109 -16.13 6.40 -9.99
C ILE C 109 -16.61 5.06 -9.49
N ILE C 110 -17.08 4.24 -10.41
CA ILE C 110 -17.76 2.93 -10.21
C ILE C 110 -16.73 1.90 -10.64
N SER C 111 -16.73 0.73 -10.02
CA SER C 111 -15.61 -0.24 -10.15
C SER C 111 -16.17 -1.64 -10.06
N GLY C 112 -15.47 -2.62 -10.58
CA GLY C 112 -16.00 -4.00 -10.67
C GLY C 112 -14.98 -4.89 -11.29
N GLU C 113 -15.32 -6.14 -11.45
CA GLU C 113 -14.43 -7.18 -12.02
C GLU C 113 -15.15 -7.78 -13.23
N ASP C 114 -14.49 -7.86 -14.37
CA ASP C 114 -14.98 -8.64 -15.53
C ASP C 114 -14.03 -9.80 -15.80
N ILE C 115 -14.61 -10.95 -16.15
CA ILE C 115 -13.90 -12.16 -16.68
C ILE C 115 -14.40 -12.39 -18.10
N PHE C 116 -13.47 -12.47 -19.04
CA PHE C 116 -13.70 -12.60 -20.49
C PHE C 116 -13.21 -13.96 -20.93
N LYS C 117 -14.01 -14.68 -21.70
CA LYS C 117 -13.64 -15.98 -22.32
C LYS C 117 -13.72 -15.74 -23.82
N PRO C 118 -12.95 -16.47 -24.66
CA PRO C 118 -13.07 -16.35 -26.11
C PRO C 118 -14.51 -16.61 -26.59
N SER C 119 -14.88 -15.92 -27.68
CA SER C 119 -16.12 -16.12 -28.47
C SER C 119 -15.77 -15.97 -29.96
N SER D 14 7.21 -18.29 29.51
CA SER D 14 7.60 -19.26 28.45
C SER D 14 8.80 -18.74 27.66
N ALA D 15 9.72 -19.61 27.27
CA ALA D 15 10.96 -19.24 26.55
C ALA D 15 10.80 -19.56 25.05
N TRP D 16 11.22 -18.62 24.21
CA TRP D 16 11.21 -18.73 22.73
C TRP D 16 12.59 -18.35 22.19
N THR D 17 13.24 -19.25 21.42
CA THR D 17 14.60 -19.08 20.83
C THR D 17 14.47 -18.97 19.31
N ASN D 18 15.14 -17.99 18.71
CA ASN D 18 15.07 -17.76 17.25
C ASN D 18 16.26 -18.48 16.57
N GLN D 19 16.34 -18.33 15.25
CA GLN D 19 17.26 -19.08 14.34
C GLN D 19 18.71 -18.69 14.65
N SER D 20 18.94 -17.48 15.19
CA SER D 20 20.27 -16.98 15.62
C SER D 20 20.60 -17.37 17.06
N GLY D 21 19.70 -18.04 17.80
CA GLY D 21 19.98 -18.52 19.18
C GLY D 21 19.57 -17.53 20.26
N SER D 22 18.96 -16.39 19.90
CA SER D 22 18.46 -15.38 20.86
C SER D 22 17.19 -15.91 21.52
N THR D 23 16.99 -15.65 22.81
CA THR D 23 15.79 -16.13 23.54
C THR D 23 14.98 -14.98 24.16
N LEU D 24 13.69 -14.98 23.87
CA LEU D 24 12.65 -14.15 24.51
C LEU D 24 12.12 -14.96 25.68
N TYR D 25 12.25 -14.41 26.87
CA TYR D 25 11.69 -14.98 28.13
C TYR D 25 10.44 -14.19 28.55
N ILE D 26 9.29 -14.73 28.23
CA ILE D 26 8.00 -14.12 28.64
C ILE D 26 7.73 -14.54 30.09
N GLN D 27 7.67 -13.58 31.02
CA GLN D 27 7.45 -13.87 32.47
C GLN D 27 5.94 -13.80 32.78
N SER D 28 5.20 -12.89 32.13
CA SER D 28 3.74 -12.70 32.33
C SER D 28 3.04 -12.10 31.11
N VAL D 29 1.76 -12.41 31.00
CA VAL D 29 0.78 -11.81 30.07
C VAL D 29 -0.45 -11.44 30.90
N ASP D 30 -0.60 -10.17 31.30
CA ASP D 30 -1.81 -9.52 31.89
C ASP D 30 -3.04 -10.10 31.20
N PRO D 31 -4.19 -10.16 31.89
CA PRO D 31 -5.46 -10.35 31.21
C PRO D 31 -5.69 -9.33 30.08
N SER D 32 -5.17 -8.12 30.20
CA SER D 32 -5.27 -7.06 29.14
C SER D 32 -4.38 -7.41 27.93
N GLY D 33 -3.60 -8.50 28.00
CA GLY D 33 -2.60 -8.88 26.96
C GLY D 33 -1.25 -8.19 27.14
N SER D 34 -1.07 -7.36 28.14
CA SER D 34 0.23 -6.67 28.40
C SER D 34 1.34 -7.71 28.64
N LEU D 35 2.44 -7.66 27.86
CA LEU D 35 3.53 -8.69 27.95
C LEU D 35 4.73 -8.09 28.70
N SER D 36 5.35 -8.87 29.61
CA SER D 36 6.55 -8.46 30.37
C SER D 36 7.54 -9.63 30.42
N GLY D 37 8.82 -9.39 30.12
CA GLY D 37 9.89 -10.39 30.31
C GLY D 37 11.24 -9.79 30.12
N TYR D 38 12.23 -10.63 29.86
CA TYR D 38 13.58 -10.24 29.41
C TYR D 38 13.89 -11.02 28.14
N TYR D 39 14.98 -10.61 27.50
CA TYR D 39 15.47 -11.15 26.20
C TYR D 39 16.99 -11.21 26.27
N ILE D 40 17.53 -12.34 25.84
CA ILE D 40 19.00 -12.55 25.76
C ILE D 40 19.36 -12.69 24.29
N ASN D 41 20.12 -11.72 23.81
CA ASN D 41 20.56 -11.64 22.42
C ASN D 41 21.80 -12.53 22.29
N ARG D 42 21.81 -13.44 21.30
CA ARG D 42 22.99 -14.28 21.00
C ARG D 42 23.28 -14.21 19.51
N ALA D 43 22.90 -13.09 18.85
CA ALA D 43 23.04 -12.94 17.39
C ALA D 43 24.47 -12.50 17.05
N ALA D 44 25.17 -13.30 16.23
CA ALA D 44 26.56 -13.08 15.77
C ALA D 44 26.68 -11.70 15.11
N GLY D 45 27.79 -11.03 15.36
CA GLY D 45 28.06 -9.69 14.81
C GLY D 45 27.48 -8.57 15.66
N TYR D 46 26.60 -8.86 16.64
CA TYR D 46 25.90 -7.80 17.40
C TYR D 46 26.50 -7.68 18.80
N GLY D 47 26.47 -6.47 19.34
CA GLY D 47 26.76 -6.23 20.76
C GLY D 47 25.63 -6.71 21.64
N CYS D 48 25.78 -6.52 22.95
CA CYS D 48 24.70 -6.74 23.94
C CYS D 48 24.26 -8.19 23.87
N GLN D 49 25.23 -9.10 23.97
CA GLN D 49 24.94 -10.57 23.92
C GLN D 49 24.96 -11.11 25.35
N ASN D 50 24.23 -12.19 25.64
CA ASN D 50 24.43 -13.06 26.82
C ASN D 50 23.91 -12.45 28.11
N THR D 51 23.32 -11.24 28.08
CA THR D 51 22.81 -10.54 29.27
C THR D 51 21.34 -10.16 29.07
N PRO D 52 20.50 -10.23 30.11
CA PRO D 52 19.08 -9.97 29.94
C PRO D 52 18.71 -8.48 29.72
N TYR D 53 17.95 -8.21 28.67
CA TYR D 53 17.39 -6.87 28.33
C TYR D 53 15.88 -6.90 28.59
N PRO D 54 15.30 -5.76 29.00
CA PRO D 54 13.89 -5.69 29.35
C PRO D 54 13.00 -5.74 28.11
N VAL D 55 11.88 -6.45 28.24
CA VAL D 55 10.88 -6.68 27.17
C VAL D 55 9.55 -6.06 27.64
N THR D 56 8.86 -5.32 26.77
CA THR D 56 7.41 -4.99 26.95
C THR D 56 6.69 -5.34 25.66
N GLY D 57 5.37 -5.55 25.72
CA GLY D 57 4.63 -5.84 24.49
C GLY D 57 3.17 -6.17 24.73
N TRP D 58 2.55 -6.70 23.69
CA TRP D 58 1.10 -6.96 23.58
C TRP D 58 0.92 -8.33 22.97
N VAL D 59 -0.09 -9.01 23.41
CA VAL D 59 -0.54 -10.28 22.81
C VAL D 59 -2.03 -10.11 22.57
N TYR D 60 -2.51 -10.58 21.43
CA TYR D 60 -3.93 -10.49 21.01
C TYR D 60 -4.23 -11.71 20.18
N GLY D 61 -4.78 -12.74 20.81
CA GLY D 61 -4.89 -14.06 20.19
C GLY D 61 -3.52 -14.54 19.77
N THR D 62 -3.28 -14.65 18.48
CA THR D 62 -2.00 -15.18 17.99
C THR D 62 -1.07 -14.01 17.67
N ALA D 63 -1.55 -12.76 17.77
CA ALA D 63 -0.77 -11.56 17.37
C ALA D 63 0.09 -11.21 18.55
N ILE D 64 1.33 -10.82 18.26
CA ILE D 64 2.32 -10.42 19.30
C ILE D 64 3.18 -9.27 18.78
N THR D 65 3.44 -8.28 19.63
CA THR D 65 4.50 -7.28 19.48
C THR D 65 5.31 -7.37 20.77
N PHE D 66 6.61 -7.17 20.65
CA PHE D 66 7.44 -6.95 21.84
C PHE D 66 8.58 -6.07 21.41
N THR D 67 9.16 -5.39 22.38
CA THR D 67 10.21 -4.39 22.16
C THR D 67 11.18 -4.54 23.30
N VAL D 68 12.47 -4.52 22.95
CA VAL D 68 13.63 -4.66 23.86
C VAL D 68 14.43 -3.36 23.76
N LEU D 69 14.69 -2.78 24.92
CA LEU D 69 15.67 -1.70 25.12
C LEU D 69 17.07 -2.31 25.26
N TRP D 70 18.01 -1.95 24.41
CA TRP D 70 19.40 -2.48 24.46
C TRP D 70 20.23 -1.67 25.46
N GLU D 71 19.70 -1.50 26.66
CA GLU D 71 20.39 -0.91 27.82
C GLU D 71 20.15 -1.82 29.03
N ASN D 72 21.22 -2.21 29.70
CA ASN D 72 21.17 -2.74 31.08
C ASN D 72 22.47 -2.36 31.79
N ALA D 73 22.62 -2.77 33.05
CA ALA D 73 23.79 -2.47 33.90
C ALA D 73 25.07 -3.12 33.34
N THR D 74 25.01 -4.09 32.43
CA THR D 74 26.18 -4.88 31.97
C THR D 74 26.73 -4.24 30.70
N GLU D 75 25.87 -3.86 29.78
CA GLU D 75 26.29 -3.39 28.45
C GLU D 75 25.13 -2.62 27.82
N SER D 76 25.44 -1.54 27.14
CA SER D 76 24.48 -0.67 26.43
C SER D 76 24.89 -0.62 24.95
N CYS D 77 23.92 -0.70 24.04
CA CYS D 77 24.10 -0.56 22.57
C CYS D 77 23.23 0.56 22.00
N ASN D 78 22.67 1.44 22.86
CA ASN D 78 22.19 2.79 22.46
C ASN D 78 21.07 2.68 21.40
N SER D 79 20.15 1.72 21.57
CA SER D 79 19.25 1.30 20.47
C SER D 79 18.09 0.49 21.03
N ILE D 80 17.03 0.33 20.22
CA ILE D 80 15.79 -0.40 20.59
C ILE D 80 15.33 -1.27 19.41
N THR D 81 14.87 -2.48 19.68
CA THR D 81 14.24 -3.31 18.63
C THR D 81 12.76 -3.48 18.97
N ALA D 82 11.93 -3.51 17.94
CA ALA D 82 10.50 -3.84 18.01
C ALA D 82 10.22 -4.97 17.03
N TRP D 83 9.69 -6.07 17.57
CA TRP D 83 9.14 -7.23 16.83
C TRP D 83 7.63 -7.18 16.78
N THR D 84 7.12 -7.44 15.58
CA THR D 84 5.70 -7.56 15.21
C THR D 84 5.54 -8.92 14.56
N GLY D 85 4.65 -9.76 15.06
CA GLY D 85 4.54 -11.11 14.48
C GLY D 85 3.31 -11.81 14.94
N PHE D 86 3.23 -13.11 14.62
CA PHE D 86 2.10 -14.00 14.97
C PHE D 86 2.65 -15.35 15.41
N TYR D 87 1.93 -16.03 16.31
CA TYR D 87 2.06 -17.48 16.59
C TYR D 87 1.29 -18.28 15.52
N TYR D 88 1.98 -19.24 14.91
CA TYR D 88 1.39 -20.18 13.91
C TYR D 88 2.27 -21.46 13.85
N GLN D 89 1.61 -22.61 13.97
CA GLN D 89 2.21 -23.97 13.86
C GLN D 89 3.36 -24.10 14.85
N GLY D 90 3.12 -23.76 16.11
CA GLY D 90 4.08 -23.96 17.21
C GLY D 90 5.27 -23.00 17.17
N GLN D 91 5.30 -22.01 16.27
CA GLN D 91 6.39 -21.01 16.23
C GLN D 91 5.83 -19.59 16.16
N ILE D 92 6.60 -18.61 16.64
CA ILE D 92 6.30 -17.16 16.44
C ILE D 92 7.14 -16.68 15.25
N THR D 93 6.49 -16.25 14.17
CA THR D 93 7.13 -15.59 13.03
C THR D 93 6.99 -14.08 13.19
N THR D 94 8.09 -13.33 13.02
CA THR D 94 8.17 -11.89 13.37
C THR D 94 8.99 -11.15 12.33
N LEU D 95 8.60 -9.91 12.04
CA LEU D 95 9.51 -8.91 11.43
C LEU D 95 9.98 -7.98 12.55
N TRP D 96 11.25 -7.57 12.54
CA TRP D 96 11.81 -6.66 13.55
C TRP D 96 12.40 -5.43 12.90
N GLN D 97 12.45 -4.35 13.67
CA GLN D 97 13.00 -3.03 13.29
C GLN D 97 13.88 -2.59 14.47
N LEU D 98 15.09 -2.14 14.15
CA LEU D 98 16.13 -1.70 15.12
C LEU D 98 16.47 -0.26 14.79
N VAL D 99 16.33 0.61 15.78
CA VAL D 99 16.57 2.05 15.61
C VAL D 99 17.66 2.39 16.61
N ILE D 100 18.62 3.19 16.18
CA ILE D 100 19.77 3.64 17.02
C ILE D 100 19.52 5.04 17.55
N ASN D 101 19.75 5.20 18.83
CA ASN D 101 19.84 6.54 19.46
C ASN D 101 20.61 7.49 18.51
N GLY D 102 20.02 8.67 18.27
CA GLY D 102 20.65 9.81 17.54
C GLY D 102 20.43 9.77 16.04
N SER D 103 19.63 8.81 15.57
CA SER D 103 19.32 8.57 14.14
C SER D 103 18.71 9.84 13.51
N THR D 104 18.97 10.04 12.22
CA THR D 104 18.51 11.23 11.49
C THR D 104 17.80 10.82 10.19
N SER D 105 17.79 9.55 9.79
CA SER D 105 17.10 9.04 8.58
C SER D 105 16.50 7.65 8.86
N THR D 106 15.32 7.38 8.28
CA THR D 106 14.70 6.04 8.28
C THR D 106 15.63 5.03 7.58
N GLY D 107 16.60 5.52 6.78
CA GLY D 107 17.64 4.68 6.17
C GLY D 107 18.58 3.99 7.18
N GLN D 108 18.70 4.55 8.39
CA GLN D 108 19.57 4.05 9.49
C GLN D 108 18.86 2.97 10.34
N ILE D 109 17.55 2.81 10.16
CA ILE D 109 16.72 1.72 10.77
C ILE D 109 17.06 0.43 10.03
N ILE D 110 17.46 -0.58 10.80
CA ILE D 110 17.93 -1.93 10.34
C ILE D 110 16.76 -2.87 10.55
N SER D 111 16.54 -3.83 9.67
CA SER D 111 15.34 -4.68 9.74
C SER D 111 15.65 -6.12 9.34
N GLY D 112 14.72 -7.02 9.68
CA GLY D 112 14.87 -8.45 9.36
C GLY D 112 13.72 -9.25 9.90
N GLU D 113 13.85 -10.56 9.80
CA GLU D 113 12.82 -11.56 10.14
C GLU D 113 13.42 -12.51 11.17
N ASP D 114 12.75 -12.72 12.30
CA ASP D 114 13.13 -13.78 13.26
C ASP D 114 11.97 -14.77 13.37
N ILE D 115 12.32 -16.05 13.39
CA ILE D 115 11.38 -17.15 13.70
C ILE D 115 11.78 -17.72 15.06
N PHE D 116 10.84 -17.77 15.98
CA PHE D 116 11.07 -18.25 17.36
C PHE D 116 10.36 -19.58 17.54
N LYS D 117 11.05 -20.55 18.12
CA LYS D 117 10.46 -21.87 18.48
C LYS D 117 10.63 -22.03 19.98
N PRO D 118 9.87 -22.91 20.64
CA PRO D 118 9.94 -23.02 22.09
C PRO D 118 11.31 -23.56 22.52
N SER D 119 11.78 -23.07 23.67
CA SER D 119 12.97 -23.59 24.41
C SER D 119 12.56 -23.74 25.88
#